data_7DF6
#
_entry.id   7DF6
#
_cell.length_a   36.140
_cell.length_b   58.140
_cell.length_c   130.060
_cell.angle_alpha   90.000
_cell.angle_beta   90.000
_cell.angle_gamma   90.000
#
_symmetry.space_group_name_H-M   'P 21 21 21'
#
loop_
_entity.id
_entity.type
_entity.pdbx_description
1 polymer Galectin-3
2 non-polymer (2R,3R,4S,5R,6S)-2-(hydroxymethyl)-5-methoxy-6-[(3R,4R,5S)-4-oxidanyl-5-(4-pyrimidin-5-yl-1,2,3-triazol-1-yl)oxan-3-yl]sulfanyl-4-[4-[3,4,5-tris(fluoranyl)phenyl]-1,2,3-triazol-1-yl]oxan-3-ol
3 water water
#
_entity_poly.entity_id   1
_entity_poly.type   'polypeptide(L)'
_entity_poly.pdbx_seq_one_letter_code
;MGSSHHHHHHSSGETVRFQGHMGVPAGPLTVPYDLPLPGGVMPRMLITIMGTVKPNANRIVLDFRRGNDVAFHFNPRFNE
NNRRVIVCNTKQDNNWGKEERQSAFPFESGKPFKIQVLVEADHFKVAVNDAHLLQYNHRMKNLREISQLGISGDITLTSA
NHAMI
;
_entity_poly.pdbx_strand_id   A,B
#
loop_
_chem_comp.id
_chem_comp.type
_chem_comp.name
_chem_comp.formula
H5O non-polymer (2R,3R,4S,5R,6S)-2-(hydroxymethyl)-5-methoxy-6-[(3R,4R,5S)-4-oxidanyl-5-(4-pyrimidin-5-yl-1,2,3-triazol-1-yl)oxan-3-yl]sulfanyl-4-[4-[3,4,5-tris(fluoranyl)phenyl]-1,2,3-triazol-1-yl]oxan-3-ol 'C26 H27 F3 N8 O6 S'
#
# COMPACT_ATOMS: atom_id res chain seq x y z
N GLY A 27 14.38 0.54 14.34
CA GLY A 27 15.10 1.84 14.57
C GLY A 27 14.25 2.75 15.43
N PRO A 28 14.75 3.91 15.89
CA PRO A 28 13.94 4.75 16.75
C PRO A 28 12.56 5.06 16.14
N LEU A 29 12.33 5.05 14.78
CA LEU A 29 10.96 5.30 14.32
C LEU A 29 10.28 4.03 13.82
N THR A 30 8.98 3.93 14.10
CA THR A 30 8.23 2.78 13.61
C THR A 30 7.95 2.93 12.12
N VAL A 31 7.97 1.82 11.38
CA VAL A 31 7.63 1.75 9.97
C VAL A 31 6.38 0.89 9.86
N PRO A 32 5.32 1.29 9.12
CA PRO A 32 5.24 2.56 8.39
C PRO A 32 5.16 3.77 9.30
N TYR A 33 5.54 4.92 8.74
CA TYR A 33 5.62 6.17 9.45
C TYR A 33 4.90 7.24 8.65
N ASP A 34 4.08 8.06 9.29
CA ASP A 34 3.40 9.13 8.60
C ASP A 34 3.94 10.44 9.15
N LEU A 35 4.52 11.21 8.26
CA LEU A 35 5.06 12.52 8.60
C LEU A 35 4.04 13.56 8.13
N PRO A 36 3.39 14.29 9.04
CA PRO A 36 2.43 15.28 8.61
C PRO A 36 3.21 16.44 7.96
N LEU A 37 2.54 17.06 6.96
CA LEU A 37 3.06 18.20 6.23
C LEU A 37 2.01 19.30 6.42
N PRO A 38 2.02 20.02 7.56
CA PRO A 38 1.05 21.06 7.77
C PRO A 38 1.17 22.17 6.71
N GLY A 39 0.03 22.46 6.10
CA GLY A 39 -0.06 23.43 5.01
C GLY A 39 0.47 22.87 3.70
N GLY A 40 0.69 21.55 3.67
CA GLY A 40 1.10 20.92 2.44
C GLY A 40 2.58 21.16 2.14
N VAL A 41 2.94 20.92 0.88
CA VAL A 41 4.29 21.16 0.50
C VAL A 41 4.35 22.49 -0.25
N MET A 42 5.51 23.10 -0.13
CA MET A 42 5.71 24.37 -0.81
C MET A 42 7.13 24.44 -1.27
N PRO A 43 7.39 25.18 -2.35
CA PRO A 43 8.75 25.34 -2.84
C PRO A 43 9.63 25.71 -1.69
N ARG A 44 10.78 25.03 -1.66
CA ARG A 44 11.90 25.29 -0.76
C ARG A 44 11.74 24.34 0.42
N MET A 45 10.67 23.55 0.45
CA MET A 45 10.55 22.58 1.52
C MET A 45 11.53 21.44 1.24
N LEU A 46 12.27 21.03 2.29
CA LEU A 46 13.20 19.93 2.19
C LEU A 46 12.80 18.90 3.24
N ILE A 47 12.56 17.68 2.76
CA ILE A 47 12.20 16.56 3.58
C ILE A 47 13.41 15.63 3.64
N THR A 48 13.81 15.25 4.84
CA THR A 48 14.98 14.41 4.96
C THR A 48 14.58 13.13 5.68
N ILE A 49 14.98 11.99 5.11
CA ILE A 49 14.64 10.72 5.71
C ILE A 49 15.92 9.94 5.81
N MET A 50 16.22 9.40 6.98
CA MET A 50 17.40 8.59 7.12
C MET A 50 17.01 7.24 7.71
N GLY A 51 17.70 6.19 7.25
CA GLY A 51 17.39 4.89 7.77
C GLY A 51 18.38 3.88 7.20
N THR A 52 18.03 2.61 7.35
CA THR A 52 18.82 1.50 6.84
C THR A 52 17.92 0.54 6.06
N VAL A 53 18.39 0.07 4.94
CA VAL A 53 17.62 -0.92 4.21
C VAL A 53 17.75 -2.27 4.93
N LYS A 54 16.63 -2.99 5.06
CA LYS A 54 16.67 -4.31 5.68
C LYS A 54 17.51 -5.23 4.82
N PRO A 55 18.17 -6.23 5.43
CA PRO A 55 18.92 -7.20 4.65
C PRO A 55 18.11 -7.91 3.56
N ASN A 56 16.83 -8.17 3.70
CA ASN A 56 16.19 -8.89 2.59
C ASN A 56 15.13 -8.06 1.92
N ALA A 57 15.51 -6.83 1.57
CA ALA A 57 14.57 -5.85 1.12
C ALA A 57 14.06 -6.21 -0.26
N ASN A 58 12.75 -5.94 -0.43
CA ASN A 58 12.07 -6.01 -1.71
C ASN A 58 11.68 -4.64 -2.23
N ARG A 59 11.27 -3.72 -1.34
CA ARG A 59 10.82 -2.42 -1.80
C ARG A 59 10.83 -1.41 -0.69
N ILE A 60 10.86 -0.15 -1.13
CA ILE A 60 10.69 1.02 -0.28
C ILE A 60 9.57 1.80 -0.89
N VAL A 61 8.76 2.48 -0.08
CA VAL A 61 7.75 3.37 -0.62
C VAL A 61 7.78 4.68 0.17
N LEU A 62 7.83 5.81 -0.54
CA LEU A 62 7.49 7.13 -0.04
C LEU A 62 6.26 7.60 -0.78
N ASP A 63 5.22 8.01 -0.07
CA ASP A 63 3.95 8.40 -0.67
C ASP A 63 3.59 9.79 -0.15
N PHE A 64 3.71 10.82 -1.01
CA PHE A 64 3.16 12.15 -0.71
C PHE A 64 1.67 12.14 -1.04
N ARG A 65 0.83 12.24 -0.02
CA ARG A 65 -0.59 11.95 -0.17
C ARG A 65 -1.46 13.19 0.04
N ARG A 66 -2.55 13.21 -0.72
CA ARG A 66 -3.69 14.09 -0.51
C ARG A 66 -4.88 13.15 -0.31
N GLY A 67 -5.08 12.74 0.92
CA GLY A 67 -6.04 11.69 1.26
C GLY A 67 -5.69 10.35 0.62
N ASN A 68 -6.64 9.83 -0.14
CA ASN A 68 -6.53 8.57 -0.87
C ASN A 68 -5.68 8.76 -2.12
N ASP A 69 -5.60 9.98 -2.63
CA ASP A 69 -4.73 10.23 -3.76
C ASP A 69 -3.26 10.29 -3.35
N VAL A 70 -2.39 9.87 -4.28
CA VAL A 70 -0.96 9.96 -4.07
C VAL A 70 -0.33 10.84 -5.13
N ALA A 71 0.04 12.03 -4.69
CA ALA A 71 0.65 12.98 -5.59
C ALA A 71 1.99 12.49 -6.12
N PHE A 72 2.78 11.84 -5.27
CA PHE A 72 4.12 11.42 -5.67
C PHE A 72 4.43 10.18 -4.87
N HIS A 73 4.48 9.06 -5.58
CA HIS A 73 4.83 7.76 -5.08
C HIS A 73 6.22 7.46 -5.59
N PHE A 74 7.15 7.20 -4.68
CA PHE A 74 8.55 6.93 -4.96
C PHE A 74 8.82 5.53 -4.47
N ASN A 75 9.12 4.60 -5.39
CA ASN A 75 9.06 3.19 -5.05
C ASN A 75 10.24 2.41 -5.62
N PRO A 76 11.40 2.41 -4.91
CA PRO A 76 12.52 1.51 -5.20
C PRO A 76 12.07 0.06 -5.06
N ARG A 77 12.28 -0.69 -6.14
CA ARG A 77 11.98 -2.11 -6.20
C ARG A 77 13.29 -2.85 -6.42
N PHE A 78 13.64 -3.69 -5.45
CA PHE A 78 14.96 -4.32 -5.45
C PHE A 78 15.06 -5.50 -6.40
N ASN A 79 13.90 -6.10 -6.73
CA ASN A 79 13.86 -7.30 -7.54
C ASN A 79 12.56 -7.29 -8.34
N GLU A 80 12.52 -6.48 -9.38
CA GLU A 80 11.44 -6.56 -10.35
C GLU A 80 11.96 -7.26 -11.60
N ASN A 81 11.41 -8.44 -11.91
CA ASN A 81 11.90 -9.26 -13.02
C ASN A 81 13.43 -9.32 -13.00
N ASN A 82 13.97 -9.59 -11.81
CA ASN A 82 15.40 -9.77 -11.58
C ASN A 82 16.20 -8.51 -11.87
N ARG A 83 15.58 -7.34 -11.66
CA ARG A 83 16.28 -6.08 -11.86
C ARG A 83 15.92 -5.10 -10.74
N ARG A 84 16.84 -4.19 -10.47
CA ARG A 84 16.54 -3.07 -9.56
C ARG A 84 15.99 -1.91 -10.38
N VAL A 85 14.96 -1.26 -9.88
CA VAL A 85 14.42 -0.09 -10.58
C VAL A 85 13.73 0.83 -9.58
N ILE A 86 13.78 2.13 -9.78
CA ILE A 86 12.91 3.03 -9.03
C ILE A 86 11.73 3.40 -9.92
N VAL A 87 10.52 3.16 -9.39
CA VAL A 87 9.29 3.55 -10.05
C VAL A 87 8.72 4.76 -9.35
N CYS A 88 8.43 5.81 -10.11
CA CYS A 88 7.72 6.96 -9.59
C CYS A 88 6.39 7.13 -10.32
N ASN A 89 5.35 7.49 -9.58
CA ASN A 89 4.05 7.64 -10.22
C ASN A 89 3.14 8.48 -9.35
N THR A 90 1.97 8.72 -9.88
CA THR A 90 0.90 9.46 -9.20
C THR A 90 -0.37 8.63 -9.30
N LYS A 91 -1.15 8.58 -8.24
CA LYS A 91 -2.46 7.93 -8.24
C LYS A 91 -3.52 8.99 -7.95
N GLN A 92 -4.39 9.21 -8.93
CA GLN A 92 -5.48 10.17 -8.83
C GLN A 92 -6.77 9.44 -9.15
N ASP A 93 -7.74 9.42 -8.22
CA ASP A 93 -9.03 8.73 -8.41
C ASP A 93 -8.80 7.26 -8.80
N ASN A 94 -7.87 6.64 -8.09
CA ASN A 94 -7.50 5.23 -8.24
C ASN A 94 -6.93 4.86 -9.60
N ASN A 95 -6.56 5.87 -10.40
CA ASN A 95 -5.81 5.58 -11.61
C ASN A 95 -4.36 5.92 -11.26
N TRP A 96 -3.50 4.91 -11.36
CA TRP A 96 -2.10 5.16 -11.45
C TRP A 96 -1.85 5.72 -12.83
N GLY A 97 -0.95 6.70 -12.90
CA GLY A 97 -0.56 7.30 -14.14
C GLY A 97 0.56 6.55 -14.85
N LYS A 98 1.20 7.27 -15.76
CA LYS A 98 2.39 6.79 -16.44
C LYS A 98 3.54 6.68 -15.44
N GLU A 99 4.14 5.50 -15.36
CA GLU A 99 5.28 5.26 -14.51
C GLU A 99 6.47 5.97 -15.11
N GLU A 100 7.22 6.62 -14.22
CA GLU A 100 8.54 7.17 -14.56
C GLU A 100 9.55 6.25 -13.90
N ARG A 101 10.39 5.58 -14.69
CA ARG A 101 11.32 4.60 -14.16
C ARG A 101 12.75 5.09 -14.28
N GLN A 102 13.54 4.85 -13.24
CA GLN A 102 14.95 5.23 -13.20
C GLN A 102 15.72 3.95 -12.89
N SER A 103 16.70 3.59 -13.68
CA SER A 103 17.49 2.40 -13.42
C SER A 103 18.60 2.67 -12.40
N ALA A 104 18.98 3.94 -12.21
CA ALA A 104 19.96 4.32 -11.21
C ALA A 104 19.35 4.01 -9.84
N PHE A 105 20.12 3.34 -9.00
CA PHE A 105 19.53 2.70 -7.83
C PHE A 105 20.52 2.75 -6.68
N PRO A 106 20.47 3.83 -5.89
CA PRO A 106 21.51 4.04 -4.90
C PRO A 106 21.31 3.30 -3.60
N PHE A 107 20.26 2.48 -3.48
CA PHE A 107 20.02 1.73 -2.27
C PHE A 107 20.68 0.36 -2.32
N GLU A 108 21.00 -0.21 -1.14
CA GLU A 108 21.58 -1.55 -1.09
C GLU A 108 21.06 -2.25 0.17
N SER A 109 20.76 -3.55 0.04
CA SER A 109 20.38 -4.36 1.17
C SER A 109 21.36 -4.20 2.31
N GLY A 110 20.79 -3.93 3.49
CA GLY A 110 21.52 -3.85 4.74
C GLY A 110 22.21 -2.52 4.95
N LYS A 111 22.18 -1.58 4.02
CA LYS A 111 23.03 -0.41 4.15
C LYS A 111 22.22 0.85 4.50
N PRO A 112 22.87 1.79 5.22
CA PRO A 112 22.27 3.07 5.59
C PRO A 112 22.00 3.93 4.36
N PHE A 113 20.98 4.79 4.44
CA PHE A 113 20.69 5.71 3.35
C PHE A 113 20.18 7.03 3.91
N LYS A 114 20.27 8.06 3.09
CA LYS A 114 19.65 9.35 3.36
C LYS A 114 18.90 9.78 2.13
N ILE A 115 17.60 10.00 2.23
CA ILE A 115 16.85 10.50 1.12
C ILE A 115 16.46 11.94 1.43
N GLN A 116 16.67 12.80 0.45
CA GLN A 116 16.25 14.19 0.57
C GLN A 116 15.32 14.49 -0.58
N VAL A 117 14.18 15.09 -0.28
CA VAL A 117 13.24 15.52 -1.28
C VAL A 117 13.09 17.01 -1.10
N LEU A 118 13.40 17.75 -2.18
CA LEU A 118 13.27 19.18 -2.21
C LEU A 118 12.07 19.49 -3.07
N VAL A 119 11.14 20.27 -2.55
CA VAL A 119 10.02 20.69 -3.33
C VAL A 119 10.38 21.96 -4.06
N GLU A 120 10.22 21.97 -5.38
CA GLU A 120 10.33 23.20 -6.17
C GLU A 120 8.95 23.49 -6.78
N ALA A 121 8.79 24.63 -7.40
CA ALA A 121 7.45 24.97 -7.88
C ALA A 121 6.98 24.01 -8.97
N ASP A 122 7.89 23.47 -9.78
CA ASP A 122 7.52 22.66 -10.93
C ASP A 122 7.75 21.16 -10.71
N HIS A 123 8.52 20.77 -9.70
CA HIS A 123 8.85 19.36 -9.49
C HIS A 123 9.33 19.11 -8.08
N PHE A 124 9.30 17.83 -7.73
CA PHE A 124 10.07 17.32 -6.62
C PHE A 124 11.44 16.90 -7.17
N LYS A 125 12.49 17.25 -6.42
CA LYS A 125 13.84 16.81 -6.69
C LYS A 125 14.28 15.87 -5.56
N VAL A 126 14.81 14.70 -5.95
CA VAL A 126 15.21 13.68 -4.98
C VAL A 126 16.70 13.46 -5.13
N ALA A 127 17.35 13.43 -3.96
CA ALA A 127 18.75 13.11 -3.84
C ALA A 127 18.84 11.98 -2.82
N VAL A 128 19.75 11.05 -3.06
CA VAL A 128 20.00 9.97 -2.14
C VAL A 128 21.49 9.94 -1.85
N ASN A 129 21.82 9.90 -0.57
CA ASN A 129 23.22 9.83 -0.14
C ASN A 129 24.00 11.01 -0.70
N ASP A 130 23.33 12.18 -0.74
CA ASP A 130 23.92 13.45 -1.15
C ASP A 130 24.29 13.44 -2.64
N ALA A 131 23.64 12.62 -3.46
CA ALA A 131 23.78 12.62 -4.92
C ALA A 131 22.37 12.78 -5.53
N HIS A 132 22.25 13.71 -6.46
CA HIS A 132 21.03 13.86 -7.24
C HIS A 132 20.61 12.54 -7.89
N LEU A 133 19.34 12.20 -7.76
CA LEU A 133 18.84 10.97 -8.34
C LEU A 133 17.85 11.25 -9.46
N LEU A 134 16.76 11.97 -9.15
CA LEU A 134 15.75 12.20 -10.16
C LEU A 134 14.92 13.45 -9.85
N GLN A 135 14.14 13.89 -10.81
CA GLN A 135 13.15 14.95 -10.62
C GLN A 135 11.82 14.37 -11.08
N TYR A 136 10.74 14.77 -10.44
CA TYR A 136 9.41 14.31 -10.74
C TYR A 136 8.51 15.54 -10.88
N ASN A 137 8.02 15.81 -12.10
CA ASN A 137 7.18 16.97 -12.31
C ASN A 137 5.85 16.80 -11.58
N HIS A 138 5.33 17.86 -10.96
CA HIS A 138 4.05 17.79 -10.28
C HIS A 138 2.94 17.51 -11.29
N ARG A 139 2.17 16.48 -11.00
CA ARG A 139 0.97 16.15 -11.73
C ARG A 139 -0.24 16.65 -10.96
N MET A 140 -0.28 16.36 -9.67
CA MET A 140 -1.25 16.94 -8.76
C MET A 140 -0.72 18.29 -8.32
N LYS A 141 -1.42 19.34 -8.74
CA LYS A 141 -0.80 20.64 -8.70
C LYS A 141 -1.27 21.48 -7.52
N ASN A 142 -2.20 20.98 -6.70
CA ASN A 142 -2.58 21.72 -5.51
C ASN A 142 -1.65 21.29 -4.36
N LEU A 143 -0.46 21.88 -4.32
CA LEU A 143 0.59 21.42 -3.43
C LEU A 143 0.24 21.67 -1.99
N ARG A 144 -0.59 22.68 -1.68
CA ARG A 144 -0.85 22.99 -0.29
C ARG A 144 -1.83 21.99 0.32
N GLU A 145 -2.37 21.09 -0.50
CA GLU A 145 -3.27 20.03 -0.02
C GLU A 145 -2.58 18.68 0.19
N ILE A 146 -1.29 18.60 -0.10
CA ILE A 146 -0.52 17.36 0.06
C ILE A 146 -0.01 17.35 1.49
N SER A 147 -0.78 16.74 2.41
CA SER A 147 -0.60 17.03 3.83
C SER A 147 0.04 15.87 4.59
N GLN A 148 0.47 14.80 3.91
CA GLN A 148 1.03 13.66 4.57
C GLN A 148 2.09 13.04 3.68
N LEU A 149 3.21 12.62 4.29
CA LEU A 149 4.17 11.76 3.64
C LEU A 149 4.19 10.43 4.40
N GLY A 150 3.87 9.35 3.68
CA GLY A 150 3.89 8.01 4.23
C GLY A 150 5.21 7.36 3.85
N ILE A 151 5.85 6.73 4.82
CA ILE A 151 7.09 6.03 4.58
C ILE A 151 6.87 4.57 4.94
N SER A 152 7.04 3.64 3.99
CA SER A 152 6.71 2.24 4.17
C SER A 152 7.77 1.38 3.49
N GLY A 153 7.71 0.07 3.76
CA GLY A 153 8.54 -0.89 3.07
C GLY A 153 9.69 -1.40 3.93
N ASP A 154 10.74 -1.91 3.28
CA ASP A 154 11.66 -2.83 3.93
C ASP A 154 12.85 -2.08 4.51
N ILE A 155 12.59 -1.22 5.49
CA ILE A 155 13.58 -0.32 6.01
C ILE A 155 13.44 -0.28 7.52
N THR A 156 14.55 0.09 8.16
CA THR A 156 14.60 0.64 9.52
C THR A 156 14.67 2.15 9.36
N LEU A 157 13.87 2.91 10.10
CA LEU A 157 13.88 4.34 9.91
C LEU A 157 14.48 5.01 11.15
N THR A 158 15.47 5.89 10.98
CA THR A 158 16.11 6.62 12.07
CA THR A 158 16.06 6.59 12.12
C THR A 158 15.52 8.01 12.24
N SER A 159 15.17 8.64 11.11
CA SER A 159 14.68 10.00 11.21
C SER A 159 13.88 10.39 9.98
N ALA A 160 12.92 11.30 10.24
CA ALA A 160 12.13 11.83 9.16
C ALA A 160 11.71 13.21 9.58
N ASN A 161 12.11 14.20 8.81
CA ASN A 161 11.70 15.55 9.19
C ASN A 161 11.72 16.46 7.98
N HIS A 162 11.20 17.65 8.20
CA HIS A 162 11.20 18.61 7.11
C HIS A 162 11.59 19.97 7.64
N ALA A 163 12.09 20.76 6.72
CA ALA A 163 12.49 22.13 6.96
C ALA A 163 12.34 22.94 5.68
N MET A 164 12.20 24.24 5.84
CA MET A 164 12.21 25.20 4.75
C MET A 164 13.63 25.66 4.56
N ILE A 165 14.17 25.59 3.36
CA ILE A 165 15.55 26.00 3.21
C ILE A 165 15.56 27.30 2.40
N GLY B 27 -9.73 -5.73 -16.99
CA GLY B 27 -11.12 -6.22 -16.73
C GLY B 27 -12.06 -5.04 -16.61
N PRO B 28 -13.40 -5.24 -16.62
CA PRO B 28 -14.28 -4.09 -16.57
C PRO B 28 -14.00 -3.18 -15.39
N LEU B 29 -13.38 -3.62 -14.24
CA LEU B 29 -13.10 -2.65 -13.19
C LEU B 29 -11.61 -2.31 -13.12
N THR B 30 -11.32 -1.06 -12.85
CA THR B 30 -9.94 -0.63 -12.73
C THR B 30 -9.37 -1.06 -11.37
N VAL B 31 -8.09 -1.46 -11.33
CA VAL B 31 -7.39 -1.82 -10.12
C VAL B 31 -6.28 -0.79 -9.91
N PRO B 32 -6.08 -0.22 -8.71
CA PRO B 32 -6.89 -0.46 -7.51
C PRO B 32 -8.32 0.05 -7.63
N TYR B 33 -9.19 -0.56 -6.83
CA TYR B 33 -10.61 -0.27 -6.82
C TYR B 33 -11.03 0.02 -5.38
N ASP B 34 -11.84 1.05 -5.17
CA ASP B 34 -12.32 1.33 -3.82
C ASP B 34 -13.85 1.12 -3.87
N LEU B 35 -14.27 0.21 -3.04
CA LEU B 35 -15.68 -0.09 -2.86
C LEU B 35 -16.15 0.61 -1.59
N PRO B 36 -17.00 1.63 -1.71
CA PRO B 36 -17.51 2.28 -0.51
C PRO B 36 -18.44 1.33 0.23
N LEU B 37 -18.40 1.45 1.57
CA LEU B 37 -19.24 0.66 2.47
C LEU B 37 -20.04 1.65 3.30
N PRO B 38 -21.19 2.15 2.76
CA PRO B 38 -22.00 3.11 3.49
C PRO B 38 -22.55 2.50 4.78
N GLY B 39 -22.35 3.25 5.86
CA GLY B 39 -22.66 2.86 7.21
C GLY B 39 -21.75 1.78 7.74
N GLY B 40 -20.61 1.58 7.06
CA GLY B 40 -19.63 0.63 7.53
C GLY B 40 -20.05 -0.81 7.28
N VAL B 41 -19.41 -1.73 7.99
CA VAL B 41 -19.82 -3.11 7.85
C VAL B 41 -20.66 -3.47 9.05
N MET B 42 -21.45 -4.49 8.82
CA MET B 42 -22.24 -4.99 9.92
C MET B 42 -22.60 -6.43 9.65
N PRO B 43 -22.93 -7.18 10.72
CA PRO B 43 -23.20 -8.58 10.58
C PRO B 43 -24.23 -8.77 9.49
N ARG B 44 -23.95 -9.78 8.68
CA ARG B 44 -24.78 -10.30 7.63
C ARG B 44 -24.40 -9.60 6.34
N MET B 45 -23.43 -8.67 6.39
CA MET B 45 -22.96 -8.11 5.14
C MET B 45 -22.11 -9.13 4.41
N LEU B 46 -22.38 -9.30 3.10
CA LEU B 46 -21.56 -10.16 2.26
C LEU B 46 -20.95 -9.33 1.13
N ILE B 47 -19.63 -9.37 1.03
CA ILE B 47 -18.87 -8.69 0.03
C ILE B 47 -18.36 -9.73 -0.96
N THR B 48 -18.60 -9.49 -2.27
CA THR B 48 -18.20 -10.48 -3.25
C THR B 48 -17.27 -9.81 -4.24
N ILE B 49 -16.13 -10.43 -4.49
CA ILE B 49 -15.13 -9.86 -5.37
C ILE B 49 -14.82 -10.94 -6.38
N MET B 50 -14.94 -10.67 -7.67
CA MET B 50 -14.55 -11.66 -8.66
C MET B 50 -13.53 -11.09 -9.63
N GLY B 51 -12.60 -11.94 -10.07
CA GLY B 51 -11.61 -11.46 -10.96
C GLY B 51 -10.71 -12.59 -11.42
N THR B 52 -9.56 -12.20 -11.98
CA THR B 52 -8.55 -13.17 -12.42
C THR B 52 -7.19 -12.74 -11.90
N VAL B 53 -6.42 -13.70 -11.43
CA VAL B 53 -5.06 -13.39 -11.02
C VAL B 53 -4.21 -13.19 -12.27
N LYS B 54 -3.35 -12.18 -12.27
CA LYS B 54 -2.48 -11.94 -13.41
C LYS B 54 -1.52 -13.12 -13.52
N PRO B 55 -1.03 -13.43 -14.73
CA PRO B 55 -0.01 -14.45 -14.87
C PRO B 55 1.24 -14.26 -14.01
N ASN B 56 1.70 -13.04 -13.75
CA ASN B 56 2.94 -13.01 -12.96
C ASN B 56 2.74 -12.42 -11.59
N ALA B 57 1.69 -12.86 -10.93
CA ALA B 57 1.26 -12.26 -9.69
C ALA B 57 2.28 -12.48 -8.58
N ASN B 58 2.43 -11.43 -7.78
CA ASN B 58 3.18 -11.44 -6.55
C ASN B 58 2.29 -11.31 -5.33
N ARG B 59 1.24 -10.49 -5.42
CA ARG B 59 0.39 -10.29 -4.27
C ARG B 59 -0.96 -9.76 -4.66
N ILE B 60 -1.87 -9.94 -3.71
CA ILE B 60 -3.22 -9.38 -3.76
C ILE B 60 -3.40 -8.67 -2.44
N VAL B 61 -4.11 -7.56 -2.41
CA VAL B 61 -4.47 -6.91 -1.16
C VAL B 61 -5.96 -6.56 -1.17
N LEU B 62 -6.70 -6.95 -0.13
CA LEU B 62 -7.99 -6.42 0.23
C LEU B 62 -7.81 -5.66 1.55
N ASP B 63 -8.20 -4.40 1.61
CA ASP B 63 -8.02 -3.59 2.80
C ASP B 63 -9.38 -3.01 3.20
N PHE B 64 -9.93 -3.50 4.34
CA PHE B 64 -11.08 -2.84 4.98
C PHE B 64 -10.60 -1.68 5.82
N ARG B 65 -10.93 -0.46 5.41
CA ARG B 65 -10.26 0.71 5.96
C ARG B 65 -11.20 1.61 6.74
N ARG B 66 -10.61 2.22 7.77
CA ARG B 66 -11.22 3.32 8.49
C ARG B 66 -10.22 4.44 8.42
N GLY B 67 -10.33 5.22 7.36
CA GLY B 67 -9.31 6.19 7.02
C GLY B 67 -7.96 5.55 6.75
N ASN B 68 -6.96 5.96 7.53
CA ASN B 68 -5.59 5.51 7.38
C ASN B 68 -5.43 4.15 8.05
N ASP B 69 -6.32 3.82 8.97
CA ASP B 69 -6.24 2.56 9.65
C ASP B 69 -6.86 1.46 8.78
N VAL B 70 -6.33 0.26 8.96
CA VAL B 70 -6.81 -0.88 8.22
C VAL B 70 -7.32 -1.92 9.21
N ALA B 71 -8.67 -2.04 9.25
CA ALA B 71 -9.27 -2.95 10.19
C ALA B 71 -8.92 -4.39 9.83
N PHE B 72 -8.83 -4.70 8.54
CA PHE B 72 -8.58 -6.06 8.11
C PHE B 72 -7.91 -5.95 6.75
N HIS B 73 -6.67 -6.38 6.75
CA HIS B 73 -5.83 -6.44 5.57
C HIS B 73 -5.68 -7.90 5.25
N PHE B 74 -6.07 -8.27 4.01
CA PHE B 74 -6.01 -9.63 3.56
C PHE B 74 -5.04 -9.66 2.41
N ASN B 75 -3.89 -10.35 2.56
CA ASN B 75 -2.78 -10.18 1.67
C ASN B 75 -2.18 -11.53 1.26
N PRO B 76 -2.76 -12.21 0.24
CA PRO B 76 -2.11 -13.35 -0.41
C PRO B 76 -0.79 -12.92 -1.07
N ARG B 77 0.26 -13.65 -0.66
CA ARG B 77 1.60 -13.43 -1.16
C ARG B 77 2.00 -14.71 -1.90
N PHE B 78 2.22 -14.60 -3.21
CA PHE B 78 2.49 -15.77 -4.03
C PHE B 78 3.90 -16.31 -3.88
N ASN B 79 4.84 -15.47 -3.44
CA ASN B 79 6.24 -15.86 -3.40
C ASN B 79 6.91 -15.12 -2.25
N GLU B 80 6.61 -15.52 -1.02
CA GLU B 80 7.36 -14.98 0.11
C GLU B 80 8.38 -16.02 0.57
N ASN B 81 9.68 -15.71 0.42
CA ASN B 81 10.74 -16.68 0.74
C ASN B 81 10.41 -18.01 0.09
N ASN B 82 10.00 -17.93 -1.19
CA ASN B 82 9.73 -19.06 -2.07
C ASN B 82 8.54 -19.88 -1.58
N ARG B 83 7.60 -19.25 -0.86
CA ARG B 83 6.42 -19.95 -0.38
C ARG B 83 5.18 -19.11 -0.66
N ARG B 84 4.05 -19.79 -0.82
CA ARG B 84 2.78 -19.06 -0.86
C ARG B 84 2.22 -18.95 0.57
N VAL B 85 1.68 -17.79 0.89
CA VAL B 85 1.10 -17.62 2.21
C VAL B 85 0.01 -16.53 2.13
N ILE B 86 -1.04 -16.66 2.91
CA ILE B 86 -1.95 -15.53 3.09
C ILE B 86 -1.66 -14.88 4.45
N VAL B 87 -1.42 -13.58 4.41
CA VAL B 87 -1.16 -12.80 5.61
C VAL B 87 -2.39 -11.94 5.88
N CYS B 88 -2.94 -12.03 7.08
CA CYS B 88 -3.98 -11.12 7.53
C CYS B 88 -3.49 -10.31 8.71
N ASN B 89 -3.87 -9.03 8.75
CA ASN B 89 -3.41 -8.21 9.85
C ASN B 89 -4.30 -6.98 9.94
N THR B 90 -4.03 -6.20 10.93
CA THR B 90 -4.71 -4.94 11.19
C THR B 90 -3.62 -3.86 11.38
N LYS B 91 -3.86 -2.66 10.82
CA LYS B 91 -2.94 -1.55 11.09
C LYS B 91 -3.73 -0.45 11.80
N GLN B 92 -3.27 -0.13 13.02
CA GLN B 92 -3.90 0.91 13.80
C GLN B 92 -2.82 1.85 14.29
N ASP B 93 -2.97 3.16 13.99
CA ASP B 93 -1.95 4.17 14.37
C ASP B 93 -0.55 3.76 13.87
N ASN B 94 -0.53 3.27 12.62
CA ASN B 94 0.67 2.84 11.92
C ASN B 94 1.43 1.69 12.58
N ASN B 95 0.87 1.05 13.60
CA ASN B 95 1.37 -0.24 14.06
C ASN B 95 0.56 -1.34 13.36
N TRP B 96 1.27 -2.16 12.59
CA TRP B 96 0.72 -3.42 12.16
C TRP B 96 0.73 -4.30 13.41
N GLY B 97 -0.32 -5.10 13.55
CA GLY B 97 -0.43 -6.03 14.65
C GLY B 97 0.27 -7.36 14.37
N LYS B 98 -0.18 -8.37 15.13
CA LYS B 98 0.26 -9.75 14.96
C LYS B 98 -0.31 -10.27 13.64
N GLU B 99 0.57 -10.78 12.78
CA GLU B 99 0.13 -11.40 11.54
C GLU B 99 -0.53 -12.71 11.84
N GLU B 100 -1.66 -12.93 11.17
CA GLU B 100 -2.30 -14.22 11.13
C GLU B 100 -2.00 -14.81 9.77
N ARG B 101 -1.24 -15.92 9.74
CA ARG B 101 -0.84 -16.53 8.47
C ARG B 101 -1.57 -17.83 8.22
N GLN B 102 -2.01 -18.03 6.97
CA GLN B 102 -2.70 -19.23 6.53
C GLN B 102 -1.89 -19.83 5.37
N SER B 103 -1.52 -21.09 5.45
CA SER B 103 -0.78 -21.83 4.43
CA SER B 103 -0.76 -21.70 4.36
C SER B 103 -1.68 -22.17 3.23
N ALA B 104 -2.97 -22.39 3.52
CA ALA B 104 -3.93 -22.76 2.50
C ALA B 104 -4.07 -21.59 1.56
N PHE B 105 -3.96 -21.86 0.25
CA PHE B 105 -3.75 -20.78 -0.69
C PHE B 105 -4.50 -21.07 -1.98
N PRO B 106 -5.78 -20.69 -2.06
CA PRO B 106 -6.60 -21.11 -3.18
C PRO B 106 -6.44 -20.31 -4.45
N PHE B 107 -5.53 -19.34 -4.50
CA PHE B 107 -5.32 -18.57 -5.72
C PHE B 107 -4.26 -19.19 -6.61
N GLU B 108 -4.31 -18.88 -7.91
CA GLU B 108 -3.31 -19.39 -8.83
C GLU B 108 -3.07 -18.39 -9.94
N SER B 109 -1.83 -18.27 -10.34
CA SER B 109 -1.45 -17.36 -11.42
C SER B 109 -2.30 -17.68 -12.65
N GLY B 110 -2.90 -16.61 -13.19
CA GLY B 110 -3.65 -16.63 -14.41
C GLY B 110 -5.07 -17.11 -14.23
N LYS B 111 -5.48 -17.52 -13.04
CA LYS B 111 -6.76 -18.19 -12.93
C LYS B 111 -7.83 -17.30 -12.27
N PRO B 112 -9.10 -17.53 -12.67
CA PRO B 112 -10.24 -16.80 -12.11
C PRO B 112 -10.41 -17.10 -10.64
N PHE B 113 -10.96 -16.17 -9.87
CA PHE B 113 -11.24 -16.41 -8.46
C PHE B 113 -12.51 -15.69 -8.06
N LYS B 114 -13.07 -16.12 -6.93
CA LYS B 114 -14.16 -15.41 -6.30
C LYS B 114 -13.89 -15.33 -4.82
N ILE B 115 -13.84 -14.13 -4.29
CA ILE B 115 -13.66 -14.00 -2.86
C ILE B 115 -14.99 -13.53 -2.28
N GLN B 116 -15.39 -14.16 -1.16
CA GLN B 116 -16.56 -13.70 -0.44
C GLN B 116 -16.14 -13.43 0.97
N VAL B 117 -16.47 -12.24 1.49
CA VAL B 117 -16.24 -11.91 2.86
C VAL B 117 -17.59 -11.68 3.51
N LEU B 118 -17.85 -12.46 4.56
CA LEU B 118 -19.08 -12.34 5.33
C LEU B 118 -18.72 -11.69 6.64
N VAL B 119 -19.39 -10.60 6.97
CA VAL B 119 -19.16 -9.97 8.23
C VAL B 119 -20.07 -10.59 9.27
N GLU B 120 -19.48 -11.07 10.36
CA GLU B 120 -20.27 -11.51 11.53
C GLU B 120 -19.94 -10.59 12.69
N ALA B 121 -20.63 -10.72 13.81
CA ALA B 121 -20.42 -9.77 14.90
C ALA B 121 -19.02 -9.92 15.47
N ASP B 122 -18.44 -11.13 15.49
CA ASP B 122 -17.16 -11.35 16.12
C ASP B 122 -16.00 -11.47 15.13
N HIS B 123 -16.27 -11.70 13.85
CA HIS B 123 -15.20 -11.92 12.91
C HIS B 123 -15.67 -11.69 11.48
N PHE B 124 -14.69 -11.49 10.62
CA PHE B 124 -14.86 -11.65 9.20
C PHE B 124 -14.58 -13.11 8.87
N LYS B 125 -15.41 -13.66 8.00
CA LYS B 125 -15.24 -14.97 7.42
C LYS B 125 -15.02 -14.83 5.91
N VAL B 126 -14.00 -15.55 5.42
CA VAL B 126 -13.57 -15.44 4.03
C VAL B 126 -13.68 -16.83 3.42
N ALA B 127 -14.30 -16.86 2.24
CA ALA B 127 -14.40 -18.03 1.41
C ALA B 127 -13.83 -17.66 0.06
N VAL B 128 -13.11 -18.59 -0.55
CA VAL B 128 -12.59 -18.38 -1.89
C VAL B 128 -13.03 -19.52 -2.76
N ASN B 129 -13.58 -19.19 -3.91
CA ASN B 129 -14.04 -20.21 -4.85
C ASN B 129 -15.03 -21.15 -4.18
N ASP B 130 -15.88 -20.55 -3.31
CA ASP B 130 -16.96 -21.24 -2.62
C ASP B 130 -16.44 -22.28 -1.63
N ALA B 131 -15.21 -22.12 -1.11
CA ALA B 131 -14.66 -22.96 -0.05
C ALA B 131 -14.25 -22.03 1.10
N HIS B 132 -14.63 -22.38 2.33
CA HIS B 132 -14.19 -21.62 3.49
C HIS B 132 -12.66 -21.57 3.54
N LEU B 133 -12.11 -20.40 3.85
CA LEU B 133 -10.68 -20.24 3.88
C LEU B 133 -10.19 -19.89 5.28
N LEU B 134 -10.70 -18.78 5.82
CA LEU B 134 -10.24 -18.35 7.13
C LEU B 134 -11.26 -17.46 7.83
N GLN B 135 -11.08 -17.23 9.11
CA GLN B 135 -11.82 -16.25 9.88
C GLN B 135 -10.79 -15.31 10.50
N TYR B 136 -11.17 -14.05 10.66
CA TYR B 136 -10.35 -13.04 11.26
C TYR B 136 -11.18 -12.32 12.30
N ASN B 137 -10.79 -12.47 13.58
CA ASN B 137 -11.51 -11.81 14.64
C ASN B 137 -11.35 -10.28 14.54
N HIS B 138 -12.42 -9.53 14.78
CA HIS B 138 -12.34 -8.06 14.76
C HIS B 138 -11.39 -7.59 15.86
N ARG B 139 -10.44 -6.75 15.48
CA ARG B 139 -9.54 -6.07 16.39
C ARG B 139 -9.97 -4.60 16.48
N MET B 140 -10.23 -3.95 15.34
CA MET B 140 -10.92 -2.68 15.36
C MET B 140 -12.42 -2.94 15.45
N LYS B 141 -13.03 -2.52 16.56
CA LYS B 141 -14.36 -3.03 16.85
C LYS B 141 -15.47 -2.05 16.52
N ASN B 142 -15.16 -0.85 16.02
CA ASN B 142 -16.20 0.08 15.62
C ASN B 142 -16.55 -0.19 14.15
N LEU B 143 -17.33 -1.24 13.91
CA LEU B 143 -17.55 -1.75 12.56
C LEU B 143 -18.22 -0.71 11.67
N ARG B 144 -19.06 0.15 12.24
CA ARG B 144 -19.87 1.06 11.43
C ARG B 144 -18.98 2.19 10.89
N GLU B 145 -17.71 2.27 11.32
CA GLU B 145 -16.78 3.27 10.79
C GLU B 145 -15.86 2.76 9.69
N ILE B 146 -15.93 1.47 9.36
CA ILE B 146 -15.10 0.86 8.34
C ILE B 146 -15.82 1.09 7.03
N SER B 147 -15.48 2.18 6.34
CA SER B 147 -16.35 2.73 5.31
C SER B 147 -15.78 2.52 3.90
N GLN B 148 -14.66 1.80 3.76
CA GLN B 148 -14.11 1.57 2.45
C GLN B 148 -13.45 0.20 2.40
N LEU B 149 -13.55 -0.46 1.23
CA LEU B 149 -12.79 -1.65 0.95
C LEU B 149 -11.94 -1.35 -0.27
N GLY B 150 -10.61 -1.42 -0.09
CA GLY B 150 -9.66 -1.20 -1.16
C GLY B 150 -9.25 -2.55 -1.73
N ILE B 151 -9.30 -2.68 -3.03
CA ILE B 151 -8.83 -3.89 -3.70
C ILE B 151 -7.63 -3.53 -4.58
N SER B 152 -6.49 -4.17 -4.36
CA SER B 152 -5.24 -3.79 -5.00
C SER B 152 -4.49 -5.07 -5.37
N GLY B 153 -3.42 -4.90 -6.14
CA GLY B 153 -2.51 -6.01 -6.40
C GLY B 153 -2.69 -6.59 -7.79
N ASP B 154 -2.16 -7.80 -7.98
CA ASP B 154 -1.85 -8.32 -9.28
C ASP B 154 -3.04 -9.11 -9.84
N ILE B 155 -4.15 -8.41 -10.07
CA ILE B 155 -5.38 -9.01 -10.52
C ILE B 155 -6.00 -8.13 -11.59
N THR B 156 -6.82 -8.77 -12.39
CA THR B 156 -7.89 -8.18 -13.20
C THR B 156 -9.18 -8.30 -12.39
N LEU B 157 -9.97 -7.24 -12.27
CA LEU B 157 -11.13 -7.32 -11.43
C LEU B 157 -12.39 -7.23 -12.31
N THR B 158 -13.34 -8.17 -12.15
CA THR B 158 -14.56 -8.21 -12.94
CA THR B 158 -14.56 -8.15 -12.96
C THR B 158 -15.76 -7.63 -12.17
N SER B 159 -15.80 -7.87 -10.86
CA SER B 159 -16.89 -7.35 -10.07
C SER B 159 -16.50 -7.20 -8.60
N ALA B 160 -17.18 -6.25 -7.97
CA ALA B 160 -17.01 -6.04 -6.55
C ALA B 160 -18.29 -5.44 -6.05
N ASN B 161 -18.96 -6.13 -5.15
CA ASN B 161 -20.17 -5.54 -4.60
C ASN B 161 -20.46 -6.16 -3.24
N HIS B 162 -21.48 -5.58 -2.61
CA HIS B 162 -21.88 -6.09 -1.33
C HIS B 162 -23.39 -6.15 -1.27
N ALA B 163 -23.84 -6.99 -0.37
CA ALA B 163 -25.24 -7.18 -0.08
C ALA B 163 -25.42 -7.69 1.34
N MET B 164 -26.61 -7.50 1.87
CA MET B 164 -26.99 -7.98 3.19
C MET B 164 -27.69 -9.30 2.97
N ILE B 165 -27.29 -10.35 3.66
CA ILE B 165 -27.90 -11.63 3.40
C ILE B 165 -28.74 -12.00 4.62
C13 H5O C . 4.26 -1.84 -0.61
C18 H5O C . 3.10 -2.09 -13.85
C17 H5O C . 1.82 -2.69 -14.31
C16 H5O C . 1.03 -2.83 -12.12
C15 H5O C . 2.15 -1.95 -11.56
C19 H5O C . 3.42 -2.28 -12.36
C20 H5O C . 5.15 -3.57 -14.96
C21 H5O C . 5.99 -2.88 -15.86
C22 H5O C . 7.15 -2.99 -16.48
C23 H5O C . 7.91 -4.13 -16.26
C24 H5O C . 9.70 -3.17 -17.47
C11 H5O C . 2.95 -0.20 0.42
C12 H5O C . 3.84 -1.18 0.50
F2 H5O C . 5.10 -2.80 -0.43
F1 H5O C . 4.27 -1.52 1.59
F H5O C . 2.53 0.40 1.60
C10 H5O C . 2.48 0.13 -0.80
C14 H5O C . 3.78 -1.48 -1.87
C9 H5O C . 2.91 -0.51 -1.94
C8 H5O C . 2.27 -0.22 -3.28
C7 H5O C . 2.72 -0.47 -4.63
N1 H5O C . 0.97 0.44 -3.39
N2 H5O C . 0.68 0.53 -4.68
N H5O C . 1.70 0.00 -5.45
C6 H5O C . 1.64 0.09 -6.88
C1 H5O C . 2.11 -1.17 -7.58
O H5O C . 1.02 -2.07 -7.27
C H5O C . 1.49 -3.17 -6.57
C5 H5O C . 2.53 1.24 -7.35
O3 H5O C . 3.87 1.02 -7.06
C3 H5O C . 2.28 1.38 -8.85
C4 H5O C . 3.14 2.50 -9.47
O2 H5O C . 2.73 2.65 -10.84
O1 H5O C . 2.65 0.14 -9.50
C2 H5O C . 1.88 -0.90 -9.05
S H5O C . 2.44 -2.39 -9.89
O5 H5O C . 4.51 -1.45 -12.05
O4 H5O C . 0.85 -2.24 -13.39
N3 H5O C . 4.20 -2.49 -14.72
N5 H5O C . 4.50 -1.42 -15.44
N4 H5O C . 5.52 -1.64 -16.09
C25 H5O C . 7.69 -1.86 -17.29
N7 H5O C . 9.00 -1.95 -17.79
N6 H5O C . 9.18 -4.27 -16.74
H6 H5O C . 3.00 -1.00 -13.97
H21 H5O C . 1.58 -2.39 -15.34
H20 H5O C . 1.81 -3.78 -14.29
H18 H5O C . 1.34 -3.88 -12.30
H19 H5O C . 0.13 -2.85 -11.51
H5 H5O C . 1.90 -0.88 -11.66
H7 H5O C . 3.70 -3.32 -12.18
H23 H5O C . 5.14 -4.57 -14.55
H24 H5O C . 7.53 -4.98 -15.71
H25 H5O C . 10.72 -3.27 -17.84
H16 H5O C . 1.76 0.93 -0.87
H17 H5O C . 4.13 -1.98 -2.77
H15 H5O C . 3.63 -0.94 -5.00
H4 H5O C . 0.59 0.31 -7.14
H H5O C . 3.12 -1.46 -7.34
H8 H5O C . 1.88 -2.92 -5.59
H10 H5O C . 2.29 -3.58 -7.19
H9 H5O C . 0.72 -3.93 -6.45
H3 H5O C . 2.19 2.16 -6.86
H14 H5O C . 4.06 0.34 -6.48
H2 H5O C . 1.22 1.61 -9.02
H11 H5O C . 4.20 2.26 -9.39
H12 H5O C . 3.00 3.43 -8.92
H13 H5O C . 2.78 1.67 -11.25
H1 H5O C . 0.83 -0.74 -9.29
H22 H5O C . 4.20 -0.64 -11.88
H26 H5O C . 7.13 -0.96 -17.55
C13 H5O D . 0.93 -3.97 -2.23
C18 H5O D . 7.05 -9.10 8.57
C17 H5O D . 8.12 -8.19 9.13
C16 H5O D . 7.41 -6.39 7.62
C15 H5O D . 6.18 -7.21 7.21
C19 H5O D . 6.60 -8.64 7.16
C20 H5O D . 8.16 -11.50 7.83
C21 H5O D . 7.78 -12.65 8.49
C22 H5O D . 7.77 -13.97 8.37
C23 H5O D . 8.36 -14.53 7.19
C24 H5O D . 7.72 -16.69 7.99
C11 H5O D . -0.68 -2.35 -1.69
C12 H5O D . -0.09 -3.12 -2.61
F2 H5O D . 1.51 -4.63 -3.16
F1 H5O D . -0.46 -3.08 -3.84
F H5O D . -1.61 -1.51 -2.11
C10 H5O D . -0.28 -2.43 -0.36
C14 H5O D . 1.35 -4.06 -0.89
C9 H5O D . 0.71 -3.30 0.01
C8 H5O D . 1.05 -3.43 1.40
C7 H5O D . 1.75 -4.44 2.14
N1 H5O D . 0.69 -2.42 2.34
N2 H5O D . 1.13 -2.79 3.50
N H5O D . 1.80 -3.97 3.42
C6 H5O D . 2.49 -4.47 4.64
C1 H5O D . 3.79 -5.18 4.42
O H5O D . 4.75 -4.09 4.15
C H5O D . 5.49 -4.26 3.02
C5 H5O D . 1.39 -5.52 5.16
O3 H5O D . 1.24 -6.60 4.34
C3 H5O D . 1.97 -6.05 6.47
C4 H5O D . 1.08 -7.10 7.13
O2 H5O D . 1.65 -7.46 8.41
O1 H5O D . 3.22 -6.70 6.20
C2 H5O D . 4.16 -5.79 5.75
S H5O D . 5.67 -6.79 5.49
O5 H5O D . 5.45 -9.53 6.78
O4 H5O D . 7.71 -6.79 8.97
N3 H5O D . 7.38 -10.55 8.57
N5 H5O D . 6.71 -11.17 9.54
N4 H5O D . 6.96 -12.34 9.50
C25 H5O D . 7.11 -14.83 9.40
N7 H5O D . 7.08 -16.20 9.21
N6 H5O D . 8.35 -15.88 6.98
H6 H5O D . 6.17 -8.99 9.21
H21 H5O D . 8.36 -8.43 10.15
H20 H5O D . 9.04 -8.26 8.55
H18 H5O D . 8.30 -6.66 7.06
H19 H5O D . 7.25 -5.32 7.51
H5 H5O D . 5.36 -7.08 7.90
H7 H5O D . 7.42 -8.76 6.45
H23 H5O D . 8.83 -11.31 6.99
H24 H5O D . 8.85 -13.92 6.43
H25 H5O D . 7.73 -17.76 7.83
H16 H5O D . -0.76 -1.79 0.37
H17 H5O D . 2.18 -4.71 -0.61
H15 H5O D . 2.18 -5.39 1.81
H4 H5O D . 2.60 -3.63 5.33
H H5O D . 3.70 -5.96 3.66
H8 H5O D . 6.01 -3.35 2.71
H10 H5O D . 4.76 -4.51 2.25
H9 H5O D . 6.22 -5.07 3.10
H3 H5O D . 0.44 -5.01 5.35
H14 H5O D . 1.56 -6.53 3.45
H2 H5O D . 2.10 -5.23 7.17
H11 H5O D . 0.99 -7.97 6.48
H12 H5O D . 0.08 -6.71 7.24
H13 H5O D . 2.62 -7.67 8.31
H1 H5O D . 4.37 -5.03 6.51
H22 H5O D . 4.66 -9.12 7.13
H26 H5O D . 6.64 -14.46 10.31
#